data_6PNV
#
_entry.id   6PNV
#
_cell.length_a   63.894
_cell.length_b   40.570
_cell.length_c   77.994
_cell.angle_alpha   90.000
_cell.angle_beta   111.610
_cell.angle_gamma   90.000
#
_symmetry.space_group_name_H-M   'P 1 21 1'
#
loop_
_entity.id
_entity.type
_entity.pdbx_description
1 polymer 'Tol-Pal system protein TolB'
2 non-polymer 'POTASSIUM ION'
3 non-polymer 'SODIUM ION'
4 water water
#
_entity_poly.entity_id   1
_entity_poly.type   'polypeptide(L)'
_entity_poly.pdbx_seq_one_letter_code
;SNAVRIEITQGVDSARPIGVVPFKWAGPGAAPEDIGGIVAADLRNSGKFNPLDRSRLPQQPATAQEVQPTAWSALGIDAV
VVGQVTPNPDGSYNVAYQLVDTGGAPGTVLAQNSYKVNKQWLRYAGHTASDEVFEKLTGIKGAFRTRIAYVVQTNGGQFP
YELRVSDYDGYNQFVVHRSPQPLMSPAWSPDGSKLAYVTFESGRSALVIQTLANGAVRQVASFPRHNGAPAFSPDGTKLA
FALSKTGSLNLYVMDLASGQIRQITDGRSNNTEPTWFPDSQTLAFTSDQAGRPQVYKMNINGGAAQRITWEGSQNQDADV
SSDGKFMVMVSSNNGQQHIAKQDLVTGGVQVLSSTFLDETPSLAPNGTMVIYSSSQGMGSVLNLVSTDGRFKARLPATDG
QVKSPAWSPYL
;
_entity_poly.pdbx_strand_id   A
#
# COMPACT_ATOMS: atom_id res chain seq x y z
N SER A 1 -4.01 16.86 -7.48
CA SER A 1 -2.54 16.78 -7.75
C SER A 1 -2.08 15.32 -7.65
N ASN A 2 -0.87 15.05 -8.16
CA ASN A 2 -0.29 13.69 -8.16
C ASN A 2 1.24 13.82 -8.18
N ALA A 3 1.84 14.15 -7.03
CA ALA A 3 3.31 14.33 -6.95
C ALA A 3 4.06 13.00 -7.04
N VAL A 4 3.48 11.92 -6.51
CA VAL A 4 4.14 10.59 -6.51
C VAL A 4 3.66 9.87 -7.77
N ARG A 5 4.60 9.32 -8.53
CA ARG A 5 4.28 8.66 -9.82
C ARG A 5 5.06 7.34 -9.89
N ILE A 6 4.37 6.25 -10.21
CA ILE A 6 5.00 4.90 -10.31
C ILE A 6 5.81 4.79 -11.61
N GLU A 7 7.10 4.48 -11.50
CA GLU A 7 7.98 4.15 -12.67
C GLU A 7 8.46 2.71 -12.49
N ILE A 8 7.97 1.79 -13.33
N ILE A 8 7.98 1.81 -13.35
CA ILE A 8 8.37 0.36 -13.24
CA ILE A 8 8.38 0.37 -13.29
C ILE A 8 9.84 0.22 -13.65
C ILE A 8 9.88 0.29 -13.62
N THR A 9 10.63 -0.46 -12.82
CA THR A 9 12.10 -0.65 -13.03
C THR A 9 12.39 -2.12 -13.36
N GLN A 10 11.53 -3.03 -12.89
CA GLN A 10 11.70 -4.47 -13.21
C GLN A 10 10.30 -5.05 -13.43
N GLY A 11 9.93 -5.21 -14.68
CA GLY A 11 8.64 -5.82 -14.99
C GLY A 11 8.72 -7.32 -14.86
N VAL A 12 7.57 -7.98 -14.93
CA VAL A 12 7.49 -9.47 -14.89
C VAL A 12 7.24 -9.92 -16.34
N ASP A 13 8.32 -10.26 -17.05
CA ASP A 13 8.23 -10.59 -18.50
C ASP A 13 7.14 -11.65 -18.77
N SER A 14 6.99 -12.62 -17.84
CA SER A 14 6.09 -13.77 -18.09
C SER A 14 4.71 -13.55 -17.44
N ALA A 15 4.40 -12.33 -16.98
CA ALA A 15 3.09 -12.10 -16.33
C ALA A 15 1.94 -12.45 -17.26
N ARG A 16 0.81 -12.86 -16.68
CA ARG A 16 -0.37 -13.32 -17.46
C ARG A 16 -0.80 -12.29 -18.50
N PRO A 17 -0.76 -12.63 -19.81
CA PRO A 17 -1.24 -11.70 -20.82
C PRO A 17 -2.75 -11.50 -20.68
N ILE A 18 -3.19 -10.27 -20.93
CA ILE A 18 -4.64 -9.93 -20.89
C ILE A 18 -4.86 -8.82 -21.91
N GLY A 19 -6.06 -8.81 -22.50
CA GLY A 19 -6.45 -7.73 -23.40
C GLY A 19 -7.29 -6.71 -22.67
N VAL A 20 -6.90 -5.45 -22.70
CA VAL A 20 -7.73 -4.36 -22.12
C VAL A 20 -7.97 -3.36 -23.25
N VAL A 21 -9.22 -3.29 -23.69
CA VAL A 21 -9.61 -2.44 -24.84
C VAL A 21 -10.05 -1.07 -24.33
N PRO A 22 -9.71 0.03 -25.03
N PRO A 22 -9.74 0.03 -25.05
CA PRO A 22 -10.21 1.34 -24.64
CA PRO A 22 -10.21 1.34 -24.61
C PRO A 22 -11.75 1.27 -24.51
C PRO A 22 -11.74 1.30 -24.52
N PHE A 23 -12.30 1.92 -23.47
CA PHE A 23 -13.76 1.92 -23.24
C PHE A 23 -14.42 2.86 -24.25
N LYS A 24 -15.63 2.52 -24.67
CA LYS A 24 -16.37 3.34 -25.68
CA LYS A 24 -16.34 3.35 -25.69
C LYS A 24 -17.05 4.52 -24.98
N TRP A 25 -16.62 5.74 -25.27
CA TRP A 25 -17.22 6.98 -24.70
C TRP A 25 -18.47 7.32 -25.52
N ALA A 26 -19.64 7.40 -24.88
CA ALA A 26 -20.94 7.64 -25.57
C ALA A 26 -21.29 9.13 -25.65
N GLY A 27 -20.52 10.01 -25.02
CA GLY A 27 -20.88 11.45 -25.00
C GLY A 27 -20.24 12.20 -26.17
N PRO A 28 -20.46 13.52 -26.26
CA PRO A 28 -19.86 14.31 -27.33
C PRO A 28 -18.41 14.68 -26.99
N GLY A 29 -17.65 15.05 -28.03
CA GLY A 29 -16.25 15.46 -27.86
C GLY A 29 -15.37 14.37 -27.28
N ALA A 30 -14.29 14.76 -26.61
CA ALA A 30 -13.30 13.82 -26.05
C ALA A 30 -13.78 13.22 -24.71
N ALA A 31 -13.41 11.96 -24.47
CA ALA A 31 -13.75 11.28 -23.21
C ALA A 31 -13.15 12.05 -22.04
N PRO A 32 -13.81 12.11 -20.88
CA PRO A 32 -13.27 12.84 -19.72
C PRO A 32 -12.06 12.14 -19.10
N GLU A 33 -11.93 10.83 -19.34
CA GLU A 33 -10.79 10.04 -18.80
CA GLU A 33 -10.80 10.03 -18.79
C GLU A 33 -10.45 8.93 -19.79
N ASP A 34 -9.52 8.06 -19.42
CA ASP A 34 -9.16 6.89 -20.26
C ASP A 34 -9.27 5.70 -19.29
N ILE A 35 -10.49 5.25 -19.06
CA ILE A 35 -10.74 4.16 -18.06
C ILE A 35 -9.99 2.89 -18.46
N GLY A 36 -10.03 2.51 -19.73
CA GLY A 36 -9.29 1.30 -20.14
C GLY A 36 -7.83 1.44 -19.81
N GLY A 37 -7.29 2.66 -19.93
CA GLY A 37 -5.89 2.89 -19.59
C GLY A 37 -5.63 2.69 -18.12
N ILE A 38 -6.56 3.12 -17.26
CA ILE A 38 -6.43 2.95 -15.79
C ILE A 38 -6.46 1.45 -15.48
N VAL A 39 -7.39 0.71 -16.10
CA VAL A 39 -7.47 -0.77 -15.86
C VAL A 39 -6.15 -1.43 -16.26
N ALA A 40 -5.63 -1.11 -17.44
CA ALA A 40 -4.37 -1.75 -17.88
C ALA A 40 -3.23 -1.35 -16.94
N ALA A 41 -3.14 -0.07 -16.57
CA ALA A 41 -2.08 0.38 -15.63
C ALA A 41 -2.21 -0.35 -14.28
N ASP A 42 -3.41 -0.47 -13.76
CA ASP A 42 -3.62 -1.17 -12.46
C ASP A 42 -3.16 -2.63 -12.59
N LEU A 43 -3.64 -3.34 -13.61
CA LEU A 43 -3.28 -4.77 -13.72
C LEU A 43 -1.76 -4.91 -13.91
N ARG A 44 -1.14 -4.00 -14.65
CA ARG A 44 0.34 -4.09 -14.81
C ARG A 44 1.02 -3.78 -13.47
N ASN A 45 0.54 -2.77 -12.75
CA ASN A 45 1.14 -2.31 -11.47
C ASN A 45 1.09 -3.41 -10.42
N SER A 46 0.22 -4.41 -10.62
CA SER A 46 0.07 -5.50 -9.63
C SER A 46 1.21 -6.49 -9.76
N GLY A 47 1.91 -6.49 -10.89
CA GLY A 47 2.96 -7.50 -11.18
C GLY A 47 2.38 -8.86 -11.61
N LYS A 48 1.04 -8.97 -11.74
N LYS A 48 1.05 -8.95 -11.71
CA LYS A 48 0.42 -10.29 -12.08
CA LYS A 48 0.35 -10.24 -12.01
C LYS A 48 -0.20 -10.31 -13.47
C LYS A 48 -0.11 -10.32 -13.48
N PHE A 49 -0.09 -9.21 -14.22
CA PHE A 49 -0.64 -9.19 -15.60
C PHE A 49 0.28 -8.42 -16.54
N ASN A 50 0.20 -8.78 -17.81
CA ASN A 50 0.92 -8.08 -18.90
C ASN A 50 -0.13 -7.68 -19.94
N PRO A 51 -0.83 -6.53 -19.75
CA PRO A 51 -1.82 -6.08 -20.72
C PRO A 51 -1.16 -5.80 -22.09
N LEU A 52 -1.79 -6.29 -23.15
CA LEU A 52 -1.25 -6.10 -24.52
C LEU A 52 -1.18 -4.60 -24.86
N ASP A 53 -0.10 -4.14 -25.50
CA ASP A 53 -0.01 -2.70 -25.85
CA ASP A 53 0.03 -2.72 -25.90
C ASP A 53 -1.20 -2.33 -26.74
N ARG A 54 -1.77 -1.14 -26.48
CA ARG A 54 -2.96 -0.66 -27.22
C ARG A 54 -2.69 -0.66 -28.72
N SER A 55 -1.45 -0.42 -29.13
CA SER A 55 -1.12 -0.35 -30.58
C SER A 55 -1.13 -1.74 -31.23
N ARG A 56 -1.15 -2.82 -30.41
CA ARG A 56 -1.09 -4.21 -30.94
CA ARG A 56 -1.08 -4.22 -30.91
C ARG A 56 -2.43 -4.94 -30.74
N LEU A 57 -3.49 -4.24 -30.30
CA LEU A 57 -4.78 -4.96 -30.14
C LEU A 57 -5.26 -5.46 -31.51
N PRO A 58 -5.73 -6.73 -31.63
CA PRO A 58 -6.24 -7.24 -32.90
C PRO A 58 -7.55 -6.57 -33.35
N GLN A 59 -8.29 -6.01 -32.40
CA GLN A 59 -9.57 -5.29 -32.64
C GLN A 59 -9.85 -4.43 -31.41
N GLN A 60 -10.73 -3.45 -31.53
CA GLN A 60 -11.13 -2.60 -30.38
C GLN A 60 -12.64 -2.74 -30.21
N PRO A 61 -13.12 -3.93 -29.79
CA PRO A 61 -14.55 -4.15 -29.58
C PRO A 61 -15.12 -3.21 -28.51
N ALA A 62 -16.27 -2.59 -28.80
CA ALA A 62 -16.95 -1.63 -27.89
C ALA A 62 -17.98 -2.36 -27.03
N THR A 63 -18.28 -3.63 -27.35
CA THR A 63 -19.27 -4.44 -26.59
C THR A 63 -18.73 -5.87 -26.43
N ALA A 64 -19.28 -6.61 -25.48
CA ALA A 64 -18.84 -8.00 -25.26
C ALA A 64 -19.12 -8.84 -26.51
N GLN A 65 -20.24 -8.59 -27.18
CA GLN A 65 -20.62 -9.41 -28.36
C GLN A 65 -19.65 -9.18 -29.53
N GLU A 66 -19.03 -8.00 -29.61
CA GLU A 66 -18.08 -7.69 -30.71
C GLU A 66 -16.73 -8.40 -30.49
N VAL A 67 -16.48 -8.92 -29.28
CA VAL A 67 -15.17 -9.61 -29.05
C VAL A 67 -15.10 -10.86 -29.96
N GLN A 68 -14.01 -11.01 -30.70
CA GLN A 68 -13.75 -12.19 -31.57
C GLN A 68 -12.70 -13.03 -30.83
N PRO A 69 -13.10 -14.05 -30.04
CA PRO A 69 -12.14 -14.76 -29.19
C PRO A 69 -10.91 -15.35 -29.88
N THR A 70 -11.08 -15.84 -31.12
N THR A 70 -11.09 -15.86 -31.10
CA THR A 70 -9.96 -16.50 -31.83
CA THR A 70 -9.96 -16.50 -31.85
C THR A 70 -8.79 -15.52 -32.03
C THR A 70 -8.80 -15.51 -32.02
N ALA A 71 -9.10 -14.23 -32.22
CA ALA A 71 -8.07 -13.19 -32.45
C ALA A 71 -7.18 -13.03 -31.20
N TRP A 72 -7.77 -13.20 -30.02
CA TRP A 72 -7.01 -13.05 -28.76
C TRP A 72 -6.33 -14.36 -28.36
N SER A 73 -7.05 -15.48 -28.46
CA SER A 73 -6.45 -16.80 -28.11
C SER A 73 -5.22 -17.04 -29.00
N ALA A 74 -5.26 -16.56 -30.25
CA ALA A 74 -4.13 -16.75 -31.18
C ALA A 74 -2.85 -16.09 -30.62
N LEU A 75 -3.02 -15.10 -29.73
CA LEU A 75 -1.89 -14.34 -29.12
C LEU A 75 -1.59 -14.82 -27.69
N GLY A 76 -2.22 -15.90 -27.23
CA GLY A 76 -1.97 -16.40 -25.86
C GLY A 76 -2.73 -15.60 -24.81
N ILE A 77 -3.79 -14.91 -25.24
CA ILE A 77 -4.63 -14.09 -24.32
C ILE A 77 -5.96 -14.80 -24.13
N ASP A 78 -6.32 -15.10 -22.87
CA ASP A 78 -7.54 -15.89 -22.60
C ASP A 78 -8.63 -15.04 -21.93
N ALA A 79 -8.40 -13.74 -21.77
CA ALA A 79 -9.45 -12.86 -21.21
C ALA A 79 -9.29 -11.47 -21.79
N VAL A 80 -10.43 -10.82 -22.03
CA VAL A 80 -10.43 -9.47 -22.62
C VAL A 80 -11.40 -8.59 -21.82
N VAL A 81 -10.95 -7.39 -21.50
CA VAL A 81 -11.80 -6.38 -20.84
C VAL A 81 -12.28 -5.39 -21.88
N VAL A 82 -13.60 -5.22 -21.96
CA VAL A 82 -14.22 -4.16 -22.80
C VAL A 82 -15.05 -3.29 -21.87
N GLY A 83 -15.43 -2.11 -22.31
CA GLY A 83 -16.23 -1.24 -21.44
C GLY A 83 -16.83 -0.06 -22.15
N GLN A 84 -17.70 0.64 -21.43
CA GLN A 84 -18.44 1.80 -21.97
C GLN A 84 -18.49 2.88 -20.88
N VAL A 85 -18.40 4.14 -21.31
CA VAL A 85 -18.57 5.28 -20.37
C VAL A 85 -19.68 6.14 -20.96
N THR A 86 -20.74 6.38 -20.19
CA THR A 86 -21.91 7.13 -20.71
C THR A 86 -22.23 8.27 -19.75
N PRO A 87 -22.41 9.51 -20.27
CA PRO A 87 -22.82 10.62 -19.42
C PRO A 87 -24.32 10.47 -19.13
N ASN A 88 -24.71 10.65 -17.86
CA ASN A 88 -26.11 10.54 -17.40
C ASN A 88 -26.72 11.95 -17.42
N PRO A 89 -28.04 12.07 -17.65
CA PRO A 89 -28.67 13.39 -17.69
C PRO A 89 -28.54 14.21 -16.38
N ASP A 90 -28.26 13.54 -15.25
CA ASP A 90 -28.13 14.24 -13.94
C ASP A 90 -26.71 14.78 -13.79
N GLY A 91 -25.84 14.61 -14.79
CA GLY A 91 -24.46 15.12 -14.73
C GLY A 91 -23.47 14.08 -14.24
N SER A 92 -23.96 12.90 -13.82
CA SER A 92 -23.05 11.81 -13.37
C SER A 92 -22.63 10.97 -14.57
N TYR A 93 -21.94 9.86 -14.32
CA TYR A 93 -21.47 8.97 -15.40
C TYR A 93 -21.73 7.52 -15.02
N ASN A 94 -21.96 6.69 -16.04
CA ASN A 94 -22.02 5.23 -15.82
C ASN A 94 -20.78 4.65 -16.47
N VAL A 95 -19.95 4.00 -15.68
CA VAL A 95 -18.71 3.34 -16.16
C VAL A 95 -19.00 1.84 -16.11
N ALA A 96 -19.06 1.19 -17.27
CA ALA A 96 -19.37 -0.25 -17.30
C ALA A 96 -18.21 -1.02 -17.92
N TYR A 97 -17.99 -2.23 -17.43
CA TYR A 97 -16.98 -3.12 -18.02
C TYR A 97 -17.59 -4.52 -18.11
N GLN A 98 -17.08 -5.27 -19.07
CA GLN A 98 -17.38 -6.71 -19.17
C GLN A 98 -16.06 -7.44 -19.40
N LEU A 99 -15.85 -8.54 -18.69
CA LEU A 99 -14.67 -9.40 -18.82
C LEU A 99 -15.12 -10.62 -19.62
N VAL A 100 -14.53 -10.78 -20.80
CA VAL A 100 -14.94 -11.83 -21.75
C VAL A 100 -13.87 -12.93 -21.83
N ASP A 101 -14.31 -14.17 -21.68
CA ASP A 101 -13.39 -15.32 -21.80
C ASP A 101 -12.99 -15.51 -23.27
N THR A 102 -11.70 -15.69 -23.54
CA THR A 102 -11.24 -15.98 -24.93
C THR A 102 -10.35 -17.23 -24.87
N GLY A 103 -10.66 -18.14 -23.93
CA GLY A 103 -9.92 -19.39 -23.74
C GLY A 103 -10.78 -20.62 -23.91
N GLY A 104 -11.12 -21.28 -22.80
CA GLY A 104 -11.90 -22.53 -22.78
C GLY A 104 -13.41 -22.34 -22.91
N ALA A 105 -13.92 -21.13 -22.66
CA ALA A 105 -15.36 -20.81 -22.79
C ALA A 105 -15.49 -19.53 -23.60
N PRO A 106 -15.00 -19.54 -24.87
CA PRO A 106 -14.90 -18.32 -25.66
C PRO A 106 -16.24 -17.59 -25.83
N GLY A 107 -16.21 -16.28 -25.56
CA GLY A 107 -17.38 -15.41 -25.72
C GLY A 107 -18.19 -15.27 -24.44
N THR A 108 -17.96 -16.14 -23.44
CA THR A 108 -18.74 -16.05 -22.19
CA THR A 108 -18.70 -16.08 -22.15
C THR A 108 -18.30 -14.82 -21.37
N VAL A 109 -19.28 -14.14 -20.79
CA VAL A 109 -18.97 -12.96 -19.93
C VAL A 109 -18.72 -13.52 -18.53
N LEU A 110 -17.46 -13.43 -18.07
CA LEU A 110 -17.03 -13.96 -16.75
C LEU A 110 -17.46 -13.04 -15.62
N ALA A 111 -17.49 -11.75 -15.90
CA ALA A 111 -17.82 -10.76 -14.87
C ALA A 111 -18.21 -9.46 -15.55
N GLN A 112 -19.01 -8.67 -14.87
CA GLN A 112 -19.38 -7.36 -15.41
C GLN A 112 -19.93 -6.51 -14.28
N ASN A 113 -19.87 -5.21 -14.50
CA ASN A 113 -20.53 -4.32 -13.53
C ASN A 113 -20.69 -2.97 -14.21
N SER A 114 -21.46 -2.12 -13.57
CA SER A 114 -21.66 -0.73 -14.04
CA SER A 114 -21.71 -0.74 -14.03
C SER A 114 -21.72 0.13 -12.78
N TYR A 115 -20.94 1.20 -12.79
CA TYR A 115 -20.81 2.08 -11.62
C TYR A 115 -21.37 3.45 -11.94
N LYS A 116 -22.31 3.90 -11.12
CA LYS A 116 -22.83 5.28 -11.26
C LYS A 116 -21.98 6.16 -10.35
N VAL A 117 -21.21 7.06 -10.95
CA VAL A 117 -20.22 7.89 -10.20
C VAL A 117 -20.27 9.32 -10.69
N ASN A 118 -19.92 10.23 -9.79
CA ASN A 118 -19.74 11.66 -10.13
C ASN A 118 -18.32 11.78 -10.71
N LYS A 119 -18.04 12.86 -11.45
CA LYS A 119 -16.72 13.10 -12.11
C LYS A 119 -15.55 12.80 -11.16
N GLN A 120 -15.62 13.29 -9.92
CA GLN A 120 -14.53 13.11 -8.92
C GLN A 120 -14.13 11.63 -8.80
N TRP A 121 -15.07 10.72 -9.07
CA TRP A 121 -14.86 9.28 -8.76
C TRP A 121 -14.74 8.47 -10.06
N LEU A 122 -14.40 9.10 -11.19
CA LEU A 122 -14.17 8.32 -12.44
C LEU A 122 -12.93 7.44 -12.27
N ARG A 123 -11.83 7.96 -11.70
CA ARG A 123 -10.66 7.07 -11.51
C ARG A 123 -11.07 5.90 -10.61
N TYR A 124 -11.79 6.21 -9.52
CA TYR A 124 -12.27 5.16 -8.56
C TYR A 124 -13.09 4.10 -9.32
N ALA A 125 -13.99 4.52 -10.22
CA ALA A 125 -14.74 3.55 -11.05
C ALA A 125 -13.77 2.65 -11.83
N GLY A 126 -12.75 3.26 -12.44
CA GLY A 126 -11.77 2.46 -13.21
C GLY A 126 -11.11 1.47 -12.27
N HIS A 127 -10.73 1.93 -11.09
CA HIS A 127 -10.06 1.05 -10.10
C HIS A 127 -11.01 -0.06 -9.64
N THR A 128 -12.32 0.21 -9.63
CA THR A 128 -13.28 -0.84 -9.19
C THR A 128 -13.31 -1.94 -10.25
N ALA A 129 -13.34 -1.53 -11.53
CA ALA A 129 -13.29 -2.54 -12.61
C ALA A 129 -12.01 -3.36 -12.49
N SER A 130 -10.88 -2.69 -12.28
CA SER A 130 -9.59 -3.40 -12.13
C SER A 130 -9.68 -4.40 -10.97
N ASP A 131 -10.23 -3.96 -9.84
CA ASP A 131 -10.34 -4.81 -8.63
C ASP A 131 -11.16 -6.05 -8.96
N GLU A 132 -12.25 -5.89 -9.69
CA GLU A 132 -13.12 -7.05 -9.99
C GLU A 132 -12.43 -7.99 -10.97
N VAL A 133 -11.83 -7.45 -12.04
CA VAL A 133 -11.11 -8.30 -13.01
C VAL A 133 -9.99 -9.06 -12.30
N PHE A 134 -9.23 -8.34 -11.49
CA PHE A 134 -8.07 -8.93 -10.77
C PHE A 134 -8.55 -10.07 -9.88
N GLU A 135 -9.61 -9.84 -9.10
CA GLU A 135 -10.09 -10.89 -8.16
C GLU A 135 -10.74 -12.04 -8.93
N LYS A 136 -11.48 -11.75 -9.99
CA LYS A 136 -12.15 -12.83 -10.75
C LYS A 136 -11.09 -13.78 -11.30
N LEU A 137 -9.95 -13.26 -11.76
CA LEU A 137 -8.95 -14.11 -12.44
C LEU A 137 -7.90 -14.69 -11.49
N THR A 138 -7.58 -14.02 -10.37
CA THR A 138 -6.51 -14.49 -9.44
C THR A 138 -7.07 -15.10 -8.13
N GLY A 139 -8.32 -14.83 -7.80
CA GLY A 139 -8.88 -15.25 -6.50
C GLY A 139 -8.36 -14.40 -5.35
N ILE A 140 -7.59 -13.34 -5.65
CA ILE A 140 -7.01 -12.43 -4.62
C ILE A 140 -7.75 -11.10 -4.70
N LYS A 141 -8.14 -10.53 -3.55
CA LYS A 141 -8.85 -9.23 -3.58
CA LYS A 141 -8.83 -9.21 -3.54
C LYS A 141 -7.89 -8.15 -4.11
N GLY A 142 -8.42 -7.27 -4.95
CA GLY A 142 -7.63 -6.17 -5.53
C GLY A 142 -7.37 -5.05 -4.52
N ALA A 143 -6.27 -4.33 -4.73
CA ALA A 143 -5.88 -3.18 -3.87
C ALA A 143 -5.91 -1.88 -4.68
N PHE A 144 -6.62 -1.84 -5.80
CA PHE A 144 -6.52 -0.63 -6.66
C PHE A 144 -7.34 0.56 -6.14
N ARG A 145 -8.25 0.34 -5.19
CA ARG A 145 -9.05 1.44 -4.58
C ARG A 145 -8.38 1.91 -3.29
N THR A 146 -7.18 1.42 -3.00
CA THR A 146 -6.49 1.78 -1.74
C THR A 146 -5.71 3.08 -1.88
N ARG A 147 -5.23 3.53 -0.73
CA ARG A 147 -4.47 4.80 -0.62
CA ARG A 147 -4.49 4.81 -0.61
C ARG A 147 -3.14 4.55 0.07
N ILE A 148 -2.25 5.52 -0.08
CA ILE A 148 -0.95 5.50 0.63
C ILE A 148 -0.83 6.82 1.40
N ALA A 149 -0.19 6.74 2.54
CA ALA A 149 0.19 7.96 3.30
C ALA A 149 1.72 8.04 3.20
N TYR A 150 2.26 9.24 3.26
CA TYR A 150 3.72 9.44 3.14
C TYR A 150 4.05 10.87 3.58
N VAL A 151 5.32 11.11 3.82
CA VAL A 151 5.75 12.46 4.27
C VAL A 151 6.67 13.06 3.20
N VAL A 152 6.36 14.29 2.79
CA VAL A 152 7.18 15.02 1.78
C VAL A 152 7.84 16.22 2.44
N GLN A 153 9.14 16.34 2.23
CA GLN A 153 9.89 17.53 2.64
C GLN A 153 9.98 18.42 1.41
N THR A 154 9.23 19.52 1.42
CA THR A 154 9.20 20.44 0.27
C THR A 154 10.37 21.42 0.36
N ASN A 155 10.46 22.31 -0.63
CA ASN A 155 11.53 23.34 -0.71
C ASN A 155 11.04 24.62 0.01
N GLY A 156 9.83 24.57 0.60
CA GLY A 156 9.12 25.69 1.25
C GLY A 156 9.74 26.09 2.58
N GLY A 157 9.47 27.33 2.99
CA GLY A 157 10.08 27.94 4.17
C GLY A 157 9.42 27.56 5.48
N GLN A 158 8.17 27.98 5.71
CA GLN A 158 7.62 27.89 7.10
C GLN A 158 7.18 26.46 7.45
N PHE A 159 6.57 25.75 6.51
CA PHE A 159 6.02 24.40 6.79
C PHE A 159 6.55 23.41 5.76
N PRO A 160 7.86 23.10 5.78
CA PRO A 160 8.43 22.22 4.75
C PRO A 160 8.00 20.76 4.82
N TYR A 161 7.57 20.31 5.99
CA TYR A 161 7.17 18.89 6.14
C TYR A 161 5.66 18.73 5.99
N GLU A 162 5.27 17.80 5.12
CA GLU A 162 3.84 17.56 4.87
C GLU A 162 3.52 16.07 4.88
N LEU A 163 2.63 15.69 5.78
CA LEU A 163 2.03 14.34 5.77
C LEU A 163 0.92 14.41 4.74
N ARG A 164 1.00 13.55 3.73
CA ARG A 164 0.02 13.53 2.65
C ARG A 164 -0.57 12.14 2.47
N VAL A 165 -1.70 12.11 1.78
CA VAL A 165 -2.38 10.86 1.37
C VAL A 165 -2.66 10.96 -0.12
N SER A 166 -2.53 9.86 -0.82
CA SER A 166 -2.93 9.82 -2.25
C SER A 166 -3.51 8.46 -2.56
N ASP A 167 -4.13 8.33 -3.72
CA ASP A 167 -4.47 6.97 -4.19
C ASP A 167 -3.16 6.17 -4.28
N TYR A 168 -3.24 4.85 -4.33
CA TYR A 168 -2.02 4.01 -4.37
C TYR A 168 -1.13 4.37 -5.56
N ASP A 169 -1.70 4.91 -6.64
CA ASP A 169 -0.96 5.25 -7.89
C ASP A 169 -0.60 6.74 -7.91
N GLY A 170 -0.78 7.45 -6.80
CA GLY A 170 -0.34 8.85 -6.67
C GLY A 170 -1.40 9.90 -6.99
N TYR A 171 -2.48 9.53 -7.67
CA TYR A 171 -3.51 10.56 -7.98
C TYR A 171 -4.34 10.93 -6.74
N ASN A 172 -5.04 12.06 -6.83
CA ASN A 172 -5.92 12.53 -5.72
C ASN A 172 -5.12 12.74 -4.44
N GLN A 173 -3.97 13.38 -4.56
CA GLN A 173 -3.14 13.70 -3.39
C GLN A 173 -3.76 14.85 -2.60
N PHE A 174 -3.66 14.77 -1.27
CA PHE A 174 -4.06 15.89 -0.41
C PHE A 174 -3.16 15.92 0.82
N VAL A 175 -3.10 17.08 1.45
CA VAL A 175 -2.27 17.30 2.65
C VAL A 175 -3.11 17.02 3.90
N VAL A 176 -2.58 16.16 4.76
CA VAL A 176 -3.19 15.82 6.06
C VAL A 176 -2.70 16.83 7.11
N HIS A 177 -1.40 17.08 7.13
CA HIS A 177 -0.84 18.03 8.13
C HIS A 177 0.47 18.61 7.62
N ARG A 178 0.70 19.89 7.85
CA ARG A 178 1.97 20.54 7.48
CA ARG A 178 1.97 20.54 7.48
C ARG A 178 2.60 21.03 8.78
N SER A 179 3.93 20.99 8.83
CA SER A 179 4.65 21.35 10.08
C SER A 179 6.00 21.97 9.76
N PRO A 180 6.51 22.88 10.60
CA PRO A 180 7.88 23.35 10.46
C PRO A 180 8.86 22.22 10.79
N GLN A 181 8.38 21.19 11.49
CA GLN A 181 9.26 20.13 12.02
C GLN A 181 8.90 18.79 11.40
N PRO A 182 9.83 17.82 11.39
CA PRO A 182 9.57 16.51 10.80
C PRO A 182 8.32 15.80 11.32
N LEU A 183 7.66 15.09 10.41
CA LEU A 183 6.49 14.23 10.73
C LEU A 183 6.90 12.80 10.44
N MET A 184 6.58 11.87 11.33
CA MET A 184 7.10 10.50 11.13
C MET A 184 6.05 9.43 11.40
N SER A 185 6.34 8.26 10.82
CA SER A 185 5.69 6.98 11.21
C SER A 185 4.17 7.00 11.11
N PRO A 186 3.56 7.38 9.97
CA PRO A 186 2.11 7.30 9.85
C PRO A 186 1.61 5.86 9.92
N ALA A 187 0.42 5.70 10.50
CA ALA A 187 -0.22 4.37 10.62
C ALA A 187 -1.72 4.55 10.44
N TRP A 188 -2.30 3.67 9.64
CA TRP A 188 -3.75 3.71 9.32
C TRP A 188 -4.60 2.97 10.35
N SER A 189 -5.75 3.55 10.68
CA SER A 189 -6.74 2.75 11.44
C SER A 189 -7.31 1.71 10.46
N PRO A 190 -7.78 0.55 10.94
CA PRO A 190 -8.25 -0.50 10.03
C PRO A 190 -9.46 -0.10 9.18
N ASP A 191 -10.23 0.90 9.61
CA ASP A 191 -11.40 1.34 8.80
C ASP A 191 -10.95 2.39 7.78
N GLY A 192 -9.68 2.80 7.82
CA GLY A 192 -9.10 3.74 6.84
C GLY A 192 -9.48 5.19 7.11
N SER A 193 -10.14 5.46 8.23
CA SER A 193 -10.65 6.84 8.52
C SER A 193 -9.64 7.70 9.27
N LYS A 194 -8.62 7.09 9.88
CA LYS A 194 -7.71 7.88 10.73
C LYS A 194 -6.26 7.52 10.46
N LEU A 195 -5.36 8.48 10.71
CA LEU A 195 -3.90 8.27 10.67
C LEU A 195 -3.32 8.70 12.00
N ALA A 196 -2.59 7.79 12.63
CA ALA A 196 -1.74 8.13 13.77
C ALA A 196 -0.37 8.53 13.20
N TYR A 197 0.28 9.49 13.84
CA TYR A 197 1.62 9.91 13.37
C TYR A 197 2.32 10.62 14.51
N VAL A 198 3.61 10.85 14.31
CA VAL A 198 4.47 11.51 15.32
C VAL A 198 4.84 12.90 14.81
N THR A 199 4.64 13.90 15.65
CA THR A 199 4.96 15.31 15.32
C THR A 199 6.02 15.82 16.28
N PHE A 200 6.92 16.68 15.80
CA PHE A 200 8.00 17.32 16.61
C PHE A 200 7.74 18.82 16.69
N GLU A 201 6.47 19.22 16.51
CA GLU A 201 6.05 20.65 16.49
C GLU A 201 6.35 21.35 17.83
N SER A 202 6.13 20.65 18.95
CA SER A 202 6.38 21.21 20.30
C SER A 202 7.89 21.35 20.54
N GLY A 203 8.71 20.82 19.64
CA GLY A 203 10.18 20.80 19.81
C GLY A 203 10.63 19.40 20.20
N ARG A 204 9.72 18.61 20.79
CA ARG A 204 9.99 17.20 21.16
C ARG A 204 8.86 16.33 20.55
N SER A 205 9.01 15.01 20.61
CA SER A 205 8.07 14.08 19.93
C SER A 205 6.70 14.03 20.63
N ALA A 206 5.64 13.91 19.84
CA ALA A 206 4.25 13.76 20.30
C ALA A 206 3.50 12.83 19.33
N LEU A 207 2.76 11.87 19.89
CA LEU A 207 1.96 10.93 19.08
C LEU A 207 0.51 11.42 19.07
N VAL A 208 -0.07 11.53 17.87
CA VAL A 208 -1.46 12.03 17.70
C VAL A 208 -2.20 11.13 16.71
N ILE A 209 -3.52 11.23 16.72
CA ILE A 209 -4.41 10.50 15.78
C ILE A 209 -5.28 11.54 15.10
N GLN A 210 -5.18 11.62 13.78
CA GLN A 210 -6.00 12.59 13.04
C GLN A 210 -7.10 11.88 12.26
N THR A 211 -8.32 12.40 12.38
CA THR A 211 -9.47 11.91 11.59
C THR A 211 -9.37 12.61 10.23
N LEU A 212 -9.30 11.85 9.15
CA LEU A 212 -8.96 12.46 7.84
C LEU A 212 -10.09 13.33 7.30
N ALA A 213 -11.34 12.91 7.47
CA ALA A 213 -12.46 13.63 6.83
C ALA A 213 -12.64 15.05 7.39
N ASN A 214 -12.37 15.27 8.68
CA ASN A 214 -12.68 16.59 9.29
C ASN A 214 -11.44 17.22 9.93
N GLY A 215 -10.29 16.55 9.88
CA GLY A 215 -9.04 17.12 10.43
C GLY A 215 -8.99 17.10 11.94
N ALA A 216 -9.91 16.39 12.61
CA ALA A 216 -9.88 16.35 14.10
C ALA A 216 -8.60 15.67 14.57
N VAL A 217 -8.01 16.15 15.67
CA VAL A 217 -6.74 15.57 16.19
C VAL A 217 -6.92 15.20 17.66
N ARG A 218 -6.54 13.97 17.96
CA ARG A 218 -6.58 13.40 19.32
C ARG A 218 -5.15 13.23 19.82
N GLN A 219 -4.83 13.82 20.97
CA GLN A 219 -3.48 13.66 21.57
C GLN A 219 -3.40 12.27 22.21
N VAL A 220 -2.31 11.56 21.98
CA VAL A 220 -2.13 10.22 22.60
C VAL A 220 -1.05 10.28 23.70
N ALA A 221 0.15 10.71 23.33
CA ALA A 221 1.27 10.70 24.30
C ALA A 221 2.33 11.74 23.91
N SER A 222 2.84 12.45 24.91
CA SER A 222 3.91 13.46 24.76
C SER A 222 4.75 13.43 26.04
N PHE A 223 5.14 12.23 26.48
CA PHE A 223 5.96 12.06 27.71
C PHE A 223 7.39 12.48 27.37
N PRO A 224 8.26 12.71 28.36
CA PRO A 224 9.66 13.06 28.08
C PRO A 224 10.36 12.06 27.14
N ARG A 225 11.25 12.59 26.29
CA ARG A 225 12.08 11.83 25.31
C ARG A 225 11.17 11.25 24.20
N HIS A 226 11.35 9.98 23.80
CA HIS A 226 10.67 9.48 22.58
C HIS A 226 9.24 8.95 22.79
N ASN A 227 8.35 9.35 21.88
CA ASN A 227 6.94 8.89 21.77
C ASN A 227 6.72 8.51 20.31
N GLY A 228 6.42 7.25 20.00
CA GLY A 228 6.26 6.99 18.55
C GLY A 228 5.94 5.55 18.16
N ALA A 229 6.20 5.24 16.89
CA ALA A 229 5.99 3.92 16.28
C ALA A 229 4.56 3.40 16.49
N PRO A 230 3.50 4.16 16.11
CA PRO A 230 2.15 3.68 16.34
C PRO A 230 1.69 2.56 15.39
N ALA A 231 0.77 1.75 15.89
CA ALA A 231 0.14 0.68 15.08
C ALA A 231 -1.25 0.40 15.64
N PHE A 232 -2.28 0.51 14.79
CA PHE A 232 -3.66 0.21 15.24
C PHE A 232 -3.95 -1.28 15.17
N SER A 233 -4.63 -1.79 16.20
CA SER A 233 -5.05 -3.20 16.15
C SER A 233 -6.11 -3.39 15.06
N PRO A 234 -6.12 -4.55 14.38
CA PRO A 234 -7.09 -4.81 13.32
C PRO A 234 -8.56 -4.75 13.77
N ASP A 235 -8.83 -5.04 15.05
CA ASP A 235 -10.22 -5.03 15.58
C ASP A 235 -10.71 -3.61 15.92
N GLY A 236 -9.87 -2.59 15.74
CA GLY A 236 -10.27 -1.19 15.97
C GLY A 236 -10.33 -0.78 17.44
N THR A 237 -9.87 -1.62 18.36
CA THR A 237 -10.02 -1.29 19.80
C THR A 237 -8.76 -0.68 20.42
N LYS A 238 -7.59 -0.87 19.80
CA LYS A 238 -6.33 -0.48 20.48
C LYS A 238 -5.32 0.17 19.54
N LEU A 239 -4.45 0.97 20.14
CA LEU A 239 -3.28 1.57 19.44
C LEU A 239 -2.05 1.16 20.24
N ALA A 240 -1.11 0.44 19.62
CA ALA A 240 0.18 0.13 20.25
C ALA A 240 1.17 1.20 19.86
N PHE A 241 2.16 1.45 20.72
CA PHE A 241 3.19 2.46 20.43
C PHE A 241 4.32 2.26 21.43
N ALA A 242 5.42 2.98 21.24
CA ALA A 242 6.60 2.87 22.13
C ALA A 242 6.93 4.22 22.78
N LEU A 243 7.30 4.19 24.07
CA LEU A 243 7.72 5.38 24.86
C LEU A 243 9.04 5.05 25.54
N SER A 244 9.99 5.99 25.61
CA SER A 244 11.29 5.74 26.29
C SER A 244 11.42 6.54 27.58
N LYS A 245 10.31 7.02 28.16
CA LYS A 245 10.36 7.82 29.41
C LYS A 245 11.10 7.08 30.53
N THR A 246 11.08 5.74 30.51
CA THR A 246 11.67 4.91 31.60
C THR A 246 13.19 4.73 31.44
N GLY A 247 13.83 5.50 30.56
CA GLY A 247 15.28 5.35 30.30
C GLY A 247 15.51 4.32 29.20
N SER A 248 14.48 3.51 28.92
CA SER A 248 14.52 2.51 27.82
C SER A 248 13.14 2.46 27.15
N LEU A 249 13.13 2.19 25.85
CA LEU A 249 11.87 2.10 25.08
C LEU A 249 11.02 0.91 25.55
N ASN A 250 9.74 1.16 25.81
CA ASN A 250 8.77 0.10 26.20
C ASN A 250 7.56 0.20 25.30
N LEU A 251 6.86 -0.92 25.14
CA LEU A 251 5.59 -0.92 24.37
C LEU A 251 4.46 -0.56 25.33
N TYR A 252 3.50 0.19 24.81
CA TYR A 252 2.29 0.65 25.52
C TYR A 252 1.10 0.42 24.59
N VAL A 253 -0.06 0.21 25.18
CA VAL A 253 -1.29 0.06 24.37
C VAL A 253 -2.31 1.04 24.92
N MET A 254 -2.94 1.81 24.04
CA MET A 254 -4.05 2.69 24.48
C MET A 254 -5.38 2.04 24.06
N ASP A 255 -6.32 1.94 24.98
CA ASP A 255 -7.70 1.51 24.64
C ASP A 255 -8.37 2.73 23.99
N LEU A 256 -8.76 2.63 22.72
CA LEU A 256 -9.27 3.84 22.00
C LEU A 256 -10.59 4.35 22.60
N ALA A 257 -11.44 3.48 23.17
CA ALA A 257 -12.74 3.95 23.72
C ALA A 257 -12.54 4.73 25.03
N SER A 258 -11.63 4.29 25.90
CA SER A 258 -11.46 4.93 27.24
C SER A 258 -10.28 5.90 27.28
N GLY A 259 -9.32 5.77 26.36
CA GLY A 259 -8.10 6.59 26.37
C GLY A 259 -7.09 6.07 27.39
N GLN A 260 -7.41 4.97 28.08
CA GLN A 260 -6.52 4.39 29.11
C GLN A 260 -5.28 3.80 28.45
N ILE A 261 -4.11 4.09 29.01
CA ILE A 261 -2.82 3.59 28.47
C ILE A 261 -2.25 2.55 29.46
N ARG A 262 -1.89 1.37 28.94
CA ARG A 262 -1.27 0.31 29.77
C ARG A 262 0.13 0.03 29.23
N GLN A 263 1.09 -0.13 30.14
CA GLN A 263 2.49 -0.48 29.75
C GLN A 263 2.55 -2.01 29.63
N ILE A 264 3.03 -2.55 28.49
CA ILE A 264 3.00 -4.03 28.32
C ILE A 264 4.42 -4.61 28.30
N THR A 265 5.44 -3.75 28.25
CA THR A 265 6.83 -4.26 28.49
C THR A 265 7.44 -3.40 29.61
N ASP A 266 8.30 -3.96 30.45
CA ASP A 266 8.95 -3.14 31.52
C ASP A 266 10.30 -3.78 31.86
N GLY A 267 11.06 -4.19 30.84
CA GLY A 267 12.39 -4.78 31.05
C GLY A 267 13.48 -3.77 30.74
N ARG A 268 14.74 -4.22 30.71
CA ARG A 268 15.89 -3.33 30.43
C ARG A 268 16.12 -3.13 28.93
N SER A 269 15.69 -4.09 28.10
CA SER A 269 15.92 -3.97 26.64
C SER A 269 14.99 -2.92 26.03
N ASN A 270 15.43 -2.30 24.94
CA ASN A 270 14.59 -1.38 24.16
C ASN A 270 13.62 -2.22 23.32
N ASN A 271 12.33 -1.91 23.43
CA ASN A 271 11.25 -2.61 22.70
C ASN A 271 10.48 -1.54 21.93
N THR A 272 10.41 -1.67 20.61
CA THR A 272 9.74 -0.61 19.80
C THR A 272 9.14 -1.20 18.51
N GLU A 273 8.60 -0.34 17.66
CA GLU A 273 8.10 -0.76 16.32
C GLU A 273 7.13 -1.93 16.41
N PRO A 274 6.03 -1.79 17.16
CA PRO A 274 5.04 -2.87 17.22
C PRO A 274 4.26 -3.01 15.91
N THR A 275 3.89 -4.23 15.58
CA THR A 275 3.07 -4.55 14.39
C THR A 275 2.13 -5.67 14.85
N TRP A 276 0.84 -5.54 14.52
CA TRP A 276 -0.17 -6.51 15.02
C TRP A 276 -0.33 -7.75 14.13
N PHE A 277 -0.58 -8.86 14.80
CA PHE A 277 -1.06 -10.08 14.13
C PHE A 277 -2.57 -9.92 13.95
N PRO A 278 -3.20 -10.76 13.10
CA PRO A 278 -4.64 -10.63 12.84
C PRO A 278 -5.57 -10.74 14.06
N ASP A 279 -5.09 -11.32 15.17
CA ASP A 279 -5.95 -11.57 16.37
C ASP A 279 -6.11 -10.34 17.27
N SER A 280 -5.39 -9.24 17.01
CA SER A 280 -5.46 -8.04 17.88
C SER A 280 -5.04 -8.36 19.33
N GLN A 281 -4.18 -9.36 19.52
CA GLN A 281 -3.70 -9.73 20.89
CA GLN A 281 -3.67 -9.65 20.90
C GLN A 281 -2.21 -10.09 20.84
N THR A 282 -1.69 -10.35 19.64
CA THR A 282 -0.25 -10.69 19.47
CA THR A 282 -0.25 -10.69 19.47
C THR A 282 0.42 -9.59 18.64
N LEU A 283 1.61 -9.19 19.08
CA LEU A 283 2.43 -8.13 18.43
C LEU A 283 3.78 -8.70 18.04
N ALA A 284 4.26 -8.36 16.85
CA ALA A 284 5.70 -8.52 16.58
C ALA A 284 6.29 -7.15 16.92
N PHE A 285 7.56 -7.13 17.28
CA PHE A 285 8.19 -5.85 17.67
C PHE A 285 9.70 -5.98 17.56
N THR A 286 10.37 -4.83 17.57
CA THR A 286 11.86 -4.83 17.50
C THR A 286 12.42 -4.75 18.91
N SER A 287 13.44 -5.57 19.20
CA SER A 287 14.12 -5.51 20.51
C SER A 287 15.64 -5.57 20.31
N ASP A 288 16.38 -4.92 21.22
CA ASP A 288 17.87 -5.01 21.19
C ASP A 288 18.32 -5.97 22.29
N GLN A 289 17.42 -6.84 22.77
CA GLN A 289 17.83 -7.68 23.92
C GLN A 289 18.90 -8.71 23.52
N ALA A 290 19.08 -8.99 22.22
CA ALA A 290 20.13 -9.92 21.73
C ALA A 290 21.27 -9.11 21.10
N GLY A 291 21.35 -7.81 21.43
CA GLY A 291 22.41 -6.92 20.91
C GLY A 291 21.88 -6.10 19.74
N ARG A 292 22.25 -6.47 18.52
CA ARG A 292 21.68 -5.77 17.34
C ARG A 292 20.18 -6.06 17.28
N PRO A 293 19.37 -5.09 16.82
CA PRO A 293 17.93 -5.29 16.72
C PRO A 293 17.52 -6.58 15.99
N GLN A 294 16.52 -7.23 16.57
CA GLN A 294 15.90 -8.46 16.02
C GLN A 294 14.40 -8.33 16.24
N VAL A 295 13.62 -9.17 15.58
CA VAL A 295 12.14 -9.10 15.73
C VAL A 295 11.70 -10.22 16.68
N TYR A 296 10.86 -9.82 17.63
CA TYR A 296 10.28 -10.71 18.67
C TYR A 296 8.75 -10.71 18.52
N LYS A 297 8.11 -11.61 19.24
CA LYS A 297 6.64 -11.75 19.22
C LYS A 297 6.19 -11.87 20.68
N MET A 298 5.05 -11.26 21.01
CA MET A 298 4.53 -11.36 22.39
C MET A 298 3.01 -11.22 22.35
N ASN A 299 2.36 -11.81 23.34
CA ASN A 299 0.90 -11.64 23.56
C ASN A 299 0.76 -10.45 24.52
N ILE A 300 -0.10 -9.49 24.18
CA ILE A 300 -0.25 -8.26 25.02
C ILE A 300 -0.83 -8.60 26.40
N ASN A 301 -1.41 -9.79 26.57
CA ASN A 301 -2.08 -10.16 27.84
C ASN A 301 -1.13 -10.88 28.79
N GLY A 302 0.14 -11.05 28.42
CA GLY A 302 1.11 -11.72 29.32
C GLY A 302 1.84 -12.84 28.62
N GLY A 303 2.89 -13.35 29.25
CA GLY A 303 3.72 -14.41 28.64
C GLY A 303 5.00 -13.83 28.11
N ALA A 304 6.04 -14.65 28.03
CA ALA A 304 7.38 -14.19 27.61
C ALA A 304 7.39 -13.83 26.12
N ALA A 305 8.35 -12.97 25.76
CA ALA A 305 8.61 -12.61 24.35
C ALA A 305 9.35 -13.78 23.70
N GLN A 306 9.06 -14.02 22.43
CA GLN A 306 9.73 -15.08 21.64
C GLN A 306 10.49 -14.43 20.48
N ARG A 307 11.79 -14.75 20.35
CA ARG A 307 12.56 -14.22 19.19
C ARG A 307 12.04 -14.93 17.95
N ILE A 308 11.80 -14.19 16.85
CA ILE A 308 11.35 -14.92 15.62
C ILE A 308 12.33 -14.73 14.47
N THR A 309 13.20 -13.69 14.50
CA THR A 309 14.22 -13.58 13.42
C THR A 309 15.55 -14.16 13.92
N TRP A 310 15.88 -15.37 13.47
CA TRP A 310 17.13 -16.07 13.86
C TRP A 310 18.14 -16.01 12.71
N GLU A 311 17.72 -15.59 11.51
CA GLU A 311 18.66 -15.47 10.36
C GLU A 311 18.98 -13.99 10.11
N GLY A 312 20.26 -13.67 9.99
CA GLY A 312 20.70 -12.29 9.69
C GLY A 312 21.25 -11.56 10.89
N SER A 313 22.21 -10.66 10.64
CA SER A 313 22.87 -9.87 11.71
CA SER A 313 22.88 -9.88 11.72
C SER A 313 21.89 -8.90 12.38
N GLN A 314 20.88 -8.43 11.65
CA GLN A 314 19.97 -7.42 12.24
C GLN A 314 18.67 -7.42 11.46
N ASN A 315 17.55 -7.33 12.19
CA ASN A 315 16.21 -7.32 11.57
C ASN A 315 15.34 -6.36 12.37
N GLN A 316 14.53 -5.57 11.70
CA GLN A 316 13.71 -4.57 12.45
C GLN A 316 12.60 -4.02 11.56
N ASP A 317 11.75 -3.21 12.18
CA ASP A 317 10.65 -2.48 11.52
C ASP A 317 9.79 -3.45 10.70
N ALA A 318 9.23 -4.44 11.38
CA ALA A 318 8.41 -5.46 10.72
C ALA A 318 6.98 -4.98 10.44
N ASP A 319 6.37 -5.60 9.44
CA ASP A 319 4.94 -5.40 9.12
C ASP A 319 4.38 -6.80 8.85
N VAL A 320 3.49 -7.26 9.71
CA VAL A 320 2.89 -8.62 9.57
C VAL A 320 1.74 -8.55 8.57
N SER A 321 1.67 -9.54 7.69
CA SER A 321 0.62 -9.58 6.66
C SER A 321 -0.78 -9.66 7.29
N SER A 322 -1.77 -9.27 6.52
CA SER A 322 -3.18 -9.29 6.99
CA SER A 322 -3.17 -9.29 7.01
C SER A 322 -3.62 -10.71 7.33
N ASP A 323 -3.02 -11.72 6.68
CA ASP A 323 -3.38 -13.14 6.94
C ASP A 323 -2.47 -13.76 8.02
N GLY A 324 -1.45 -13.03 8.48
CA GLY A 324 -0.54 -13.53 9.54
C GLY A 324 0.45 -14.58 9.07
N LYS A 325 0.47 -14.94 7.79
CA LYS A 325 1.35 -16.05 7.30
C LYS A 325 2.78 -15.56 7.05
N PHE A 326 3.02 -14.25 6.96
CA PHE A 326 4.40 -13.78 6.72
C PHE A 326 4.52 -12.34 7.18
N MET A 327 5.76 -11.86 7.17
CA MET A 327 5.99 -10.43 7.51
C MET A 327 7.10 -9.91 6.62
N VAL A 328 7.11 -8.59 6.44
CA VAL A 328 8.26 -7.96 5.76
C VAL A 328 8.98 -7.14 6.82
N MET A 329 10.23 -6.81 6.55
CA MET A 329 11.07 -6.14 7.57
C MET A 329 12.31 -5.60 6.89
N VAL A 330 13.09 -4.84 7.63
CA VAL A 330 14.39 -4.29 7.18
C VAL A 330 15.47 -5.22 7.74
N SER A 331 16.18 -5.89 6.84
CA SER A 331 17.21 -6.86 7.21
C SER A 331 18.57 -6.32 6.81
N SER A 332 19.50 -6.27 7.76
CA SER A 332 20.84 -5.70 7.50
C SER A 332 21.87 -6.83 7.53
N ASN A 333 22.71 -6.91 6.50
CA ASN A 333 23.80 -7.92 6.41
C ASN A 333 24.93 -7.34 5.56
N ASN A 334 26.16 -7.39 6.07
CA ASN A 334 27.38 -6.94 5.35
C ASN A 334 27.27 -5.46 4.94
N GLY A 335 26.67 -4.62 5.79
CA GLY A 335 26.55 -3.18 5.53
C GLY A 335 25.42 -2.86 4.56
N GLN A 336 24.71 -3.88 4.07
CA GLN A 336 23.56 -3.71 3.15
C GLN A 336 22.29 -3.70 4.02
N GLN A 337 21.33 -2.84 3.68
CA GLN A 337 20.05 -2.69 4.41
C GLN A 337 18.92 -2.84 3.40
N HIS A 338 18.21 -3.97 3.42
CA HIS A 338 17.19 -4.20 2.37
C HIS A 338 15.88 -4.70 2.97
N ILE A 339 14.82 -4.61 2.19
CA ILE A 339 13.51 -5.16 2.58
C ILE A 339 13.56 -6.68 2.38
N ALA A 340 13.18 -7.43 3.40
CA ALA A 340 13.13 -8.89 3.34
C ALA A 340 11.74 -9.39 3.74
N LYS A 341 11.42 -10.60 3.33
CA LYS A 341 10.16 -11.27 3.72
C LYS A 341 10.52 -12.50 4.54
N GLN A 342 9.89 -12.64 5.70
CA GLN A 342 10.06 -13.90 6.46
C GLN A 342 8.73 -14.64 6.47
N ASP A 343 8.77 -15.89 6.04
CA ASP A 343 7.56 -16.76 6.01
C ASP A 343 7.38 -17.22 7.45
N LEU A 344 6.27 -16.84 8.09
CA LEU A 344 6.06 -17.21 9.51
C LEU A 344 5.51 -18.64 9.60
N VAL A 345 5.27 -19.31 8.46
CA VAL A 345 4.79 -20.73 8.45
C VAL A 345 6.00 -21.64 8.21
N THR A 346 6.91 -21.25 7.31
CA THR A 346 8.08 -22.11 6.96
C THR A 346 9.37 -21.61 7.63
N GLY A 347 9.42 -20.35 8.07
CA GLY A 347 10.61 -19.78 8.74
C GLY A 347 11.65 -19.20 7.77
N GLY A 348 11.49 -19.46 6.47
CA GLY A 348 12.48 -18.99 5.49
C GLY A 348 12.47 -17.48 5.28
N VAL A 349 13.62 -16.93 4.89
CA VAL A 349 13.76 -15.48 4.63
C VAL A 349 14.18 -15.29 3.18
N GLN A 350 13.58 -14.31 2.52
CA GLN A 350 13.91 -13.95 1.12
CA GLN A 350 13.95 -13.96 1.12
C GLN A 350 14.16 -12.44 1.06
N VAL A 351 15.31 -12.01 0.55
CA VAL A 351 15.57 -10.56 0.40
C VAL A 351 14.78 -10.10 -0.83
N LEU A 352 14.02 -9.02 -0.70
CA LEU A 352 13.17 -8.56 -1.82
C LEU A 352 13.80 -7.39 -2.58
N SER A 353 14.39 -6.41 -1.89
CA SER A 353 14.88 -5.18 -2.56
C SER A 353 16.39 -5.15 -2.77
N SER A 354 16.83 -4.29 -3.68
CA SER A 354 18.25 -4.12 -4.09
C SER A 354 18.63 -2.64 -4.10
N THR A 355 17.73 -1.77 -3.66
CA THR A 355 17.97 -0.30 -3.59
C THR A 355 18.82 0.03 -2.37
N PHE A 356 19.17 1.30 -2.19
CA PHE A 356 20.11 1.69 -1.12
C PHE A 356 19.37 2.28 0.09
N LEU A 357 19.79 1.83 1.28
CA LEU A 357 19.25 2.31 2.58
C LEU A 357 17.74 2.23 2.55
N ASP A 358 17.26 1.01 2.41
CA ASP A 358 15.82 0.72 2.37
C ASP A 358 15.25 0.81 3.78
N GLU A 359 14.05 1.34 3.92
CA GLU A 359 13.46 1.45 5.26
CA GLU A 359 13.46 1.39 5.28
C GLU A 359 11.94 1.43 5.21
N THR A 360 11.34 1.27 6.38
CA THR A 360 9.89 1.36 6.69
C THR A 360 9.02 0.72 5.62
N PRO A 361 9.09 -0.62 5.45
CA PRO A 361 8.20 -1.31 4.51
C PRO A 361 6.76 -1.43 5.05
N SER A 362 5.81 -1.30 4.14
CA SER A 362 4.36 -1.43 4.45
C SER A 362 3.69 -2.28 3.38
N LEU A 363 2.96 -3.31 3.81
CA LEU A 363 2.26 -4.22 2.88
C LEU A 363 0.91 -3.69 2.39
N ALA A 364 0.66 -3.88 1.10
CA ALA A 364 -0.71 -3.70 0.54
C ALA A 364 -1.64 -4.64 1.31
N PRO A 365 -2.95 -4.33 1.37
CA PRO A 365 -3.87 -5.14 2.17
C PRO A 365 -4.11 -6.57 1.66
N ASN A 366 -3.71 -6.84 0.41
CA ASN A 366 -3.84 -8.21 -0.15
C ASN A 366 -2.51 -8.97 -0.02
N GLY A 367 -1.49 -8.35 0.60
CA GLY A 367 -0.17 -9.00 0.84
C GLY A 367 0.65 -9.23 -0.41
N THR A 368 0.28 -8.63 -1.56
CA THR A 368 0.99 -8.90 -2.84
C THR A 368 2.11 -7.90 -3.13
N MET A 369 2.16 -6.78 -2.42
CA MET A 369 3.07 -5.68 -2.79
C MET A 369 3.54 -4.96 -1.52
N VAL A 370 4.77 -4.47 -1.56
CA VAL A 370 5.39 -3.70 -0.46
C VAL A 370 5.73 -2.31 -0.96
N ILE A 371 5.34 -1.29 -0.20
CA ILE A 371 5.83 0.09 -0.45
C ILE A 371 6.87 0.38 0.63
N TYR A 372 7.94 1.04 0.26
CA TYR A 372 9.01 1.34 1.24
C TYR A 372 9.73 2.61 0.76
N SER A 373 10.69 3.07 1.53
CA SER A 373 11.45 4.27 1.10
CA SER A 373 11.45 4.28 1.15
C SER A 373 12.93 3.94 1.05
N SER A 374 13.65 4.70 0.26
N SER A 374 13.67 4.69 0.23
CA SER A 374 15.12 4.57 0.14
CA SER A 374 15.13 4.52 0.10
C SER A 374 15.71 5.97 0.32
C SER A 374 15.79 5.91 0.25
N SER A 375 16.60 6.10 1.30
CA SER A 375 17.24 7.41 1.60
C SER A 375 18.41 7.66 0.64
N GLN A 376 18.46 8.90 0.15
CA GLN A 376 19.54 9.42 -0.74
C GLN A 376 20.45 10.34 0.08
N GLY A 377 20.27 10.32 1.40
CA GLY A 377 21.01 11.22 2.30
C GLY A 377 20.16 12.46 2.53
N MET A 378 20.40 13.52 1.76
CA MET A 378 19.54 14.72 1.84
C MET A 378 18.13 14.38 1.32
N GLY A 379 18.06 13.59 0.25
CA GLY A 379 16.76 13.31 -0.39
C GLY A 379 16.23 11.92 -0.12
N SER A 380 15.08 11.62 -0.72
CA SER A 380 14.41 10.33 -0.49
C SER A 380 13.33 10.12 -1.53
N VAL A 381 13.09 8.86 -1.86
CA VAL A 381 11.99 8.42 -2.77
C VAL A 381 11.28 7.23 -2.14
N LEU A 382 10.08 6.95 -2.64
CA LEU A 382 9.38 5.69 -2.28
C LEU A 382 9.73 4.66 -3.34
N ASN A 383 9.48 3.40 -3.06
CA ASN A 383 9.74 2.27 -3.98
C ASN A 383 8.69 1.19 -3.76
N LEU A 384 8.45 0.38 -4.77
CA LEU A 384 7.56 -0.79 -4.64
C LEU A 384 8.33 -2.07 -4.98
N VAL A 385 8.01 -3.13 -4.28
CA VAL A 385 8.55 -4.47 -4.65
C VAL A 385 7.45 -5.48 -4.35
N SER A 386 7.19 -6.40 -5.28
CA SER A 386 6.21 -7.46 -5.00
C SER A 386 6.74 -8.39 -3.90
N THR A 387 5.82 -9.08 -3.22
CA THR A 387 6.23 -9.98 -2.12
C THR A 387 6.95 -11.21 -2.67
N ASP A 388 6.89 -11.45 -3.98
CA ASP A 388 7.65 -12.60 -4.54
C ASP A 388 8.98 -12.08 -5.12
N GLY A 389 9.21 -10.77 -5.03
CA GLY A 389 10.48 -10.13 -5.47
C GLY A 389 10.63 -9.95 -6.97
N ARG A 390 9.66 -10.35 -7.78
CA ARG A 390 9.82 -10.27 -9.26
C ARG A 390 9.51 -8.89 -9.86
N PHE A 391 8.62 -8.13 -9.23
CA PHE A 391 8.20 -6.80 -9.74
C PHE A 391 8.82 -5.70 -8.88
N LYS A 392 9.39 -4.69 -9.53
CA LYS A 392 9.99 -3.53 -8.83
C LYS A 392 9.58 -2.23 -9.53
N ALA A 393 9.36 -1.18 -8.74
CA ALA A 393 9.04 0.15 -9.31
C ALA A 393 9.57 1.23 -8.35
N ARG A 394 9.88 2.42 -8.88
CA ARG A 394 10.34 3.55 -8.04
C ARG A 394 9.21 4.60 -8.05
N LEU A 395 9.05 5.29 -6.93
N LEU A 395 9.02 5.27 -6.92
CA LEU A 395 7.95 6.25 -6.66
CA LEU A 395 7.93 6.26 -6.71
C LEU A 395 8.51 7.56 -6.12
C LEU A 395 8.49 7.57 -6.14
N PRO A 396 9.13 8.41 -6.96
CA PRO A 396 9.61 9.71 -6.51
C PRO A 396 8.46 10.70 -6.40
N ALA A 397 8.63 11.74 -5.58
CA ALA A 397 7.70 12.90 -5.46
C ALA A 397 8.28 14.03 -6.30
N THR A 398 7.47 14.61 -7.19
N THR A 398 7.44 14.61 -7.16
CA THR A 398 7.93 15.70 -8.09
CA THR A 398 7.88 15.70 -8.10
C THR A 398 8.34 16.93 -7.27
C THR A 398 8.21 16.99 -7.34
N ASP A 399 7.69 17.17 -6.12
CA ASP A 399 7.89 18.45 -5.38
C ASP A 399 8.70 18.29 -4.08
N GLY A 400 9.41 17.19 -3.90
CA GLY A 400 10.22 17.09 -2.67
C GLY A 400 10.74 15.70 -2.37
N GLN A 401 11.28 15.56 -1.17
CA GLN A 401 11.87 14.29 -0.69
C GLN A 401 10.78 13.52 0.03
N VAL A 402 10.53 12.27 -0.36
CA VAL A 402 9.37 11.54 0.21
C VAL A 402 9.86 10.29 0.94
N LYS A 403 9.31 10.05 2.12
CA LYS A 403 9.66 8.86 2.92
C LYS A 403 8.48 8.51 3.82
N SER A 404 8.69 7.58 4.73
CA SER A 404 7.69 7.21 5.77
C SER A 404 6.34 6.82 5.15
N PRO A 405 6.28 5.85 4.20
CA PRO A 405 5.00 5.45 3.63
C PRO A 405 4.21 4.52 4.56
N ALA A 406 2.91 4.45 4.30
CA ALA A 406 2.04 3.46 4.95
C ALA A 406 0.91 3.15 3.97
N TRP A 407 0.74 1.88 3.64
CA TRP A 407 -0.33 1.44 2.71
C TRP A 407 -1.64 1.35 3.48
N SER A 408 -2.71 1.93 2.93
CA SER A 408 -4.00 1.92 3.64
C SER A 408 -4.57 0.52 3.67
N PRO A 409 -5.55 0.26 4.55
CA PRO A 409 -6.35 -0.95 4.48
C PRO A 409 -7.26 -0.88 3.23
N TYR A 410 -8.05 -1.94 3.02
CA TYR A 410 -9.05 -1.89 1.95
C TYR A 410 -9.98 -0.73 2.25
N LEU A 411 -10.41 -0.01 1.23
CA LEU A 411 -11.31 1.15 1.49
C LEU A 411 -12.73 0.81 1.03
#